data_3WX8
#
_entry.id   3WX8
#
_cell.length_a   114.243
_cell.length_b   114.243
_cell.length_c   94.162
_cell.angle_alpha   90.00
_cell.angle_beta   90.00
_cell.angle_gamma   120.00
#
_symmetry.space_group_name_H-M   'P 32 2 1'
#
loop_
_entity.id
_entity.type
_entity.pdbx_description
1 polymer 'Nucleoside diphosphate kinase'
2 water water
#
_entity_poly.entity_id   1
_entity_poly.type   'polypeptide(L)'
_entity_poly.pdbx_seq_one_letter_code
;MAANKERTFIMVKPDGVQRGLVGKIIERFEQKGFRLVALKFTWASKELLEKHYADLSARPFFPGLVNYMNSGPVVPMVWE
GLNVVKTGRQMLGATNPADSKPGTIRGDFCIQVGRNIIHGSDAVKSAEKEIALWFNEKELVTWTPAAKDWIYE
;
_entity_poly.pdbx_strand_id   A,B,C
#
# COMPACT_ATOMS: atom_id res chain seq x y z
N MET A 1 -14.53 24.37 14.68
CA MET A 1 -14.15 25.07 13.47
C MET A 1 -12.68 24.84 13.14
N ALA A 2 -11.89 24.55 14.18
CA ALA A 2 -10.45 24.34 14.02
C ALA A 2 -10.15 23.23 13.02
N ALA A 3 -9.24 23.50 12.10
CA ALA A 3 -8.90 22.56 11.05
C ALA A 3 -8.58 21.17 11.58
N ASN A 4 -7.77 21.11 12.64
CA ASN A 4 -7.31 19.84 13.19
C ASN A 4 -8.40 19.05 13.91
N LYS A 5 -9.55 19.67 14.12
CA LYS A 5 -10.63 19.04 14.86
C LYS A 5 -11.78 18.61 13.95
N GLU A 6 -11.55 18.63 12.65
CA GLU A 6 -12.54 18.13 11.70
C GLU A 6 -12.86 16.67 12.01
N ARG A 7 -14.10 16.26 11.74
CA ARG A 7 -14.53 14.89 12.00
C ARG A 7 -15.22 14.30 10.79
N THR A 8 -15.06 12.99 10.62
CA THR A 8 -15.76 12.28 9.57
C THR A 8 -16.39 11.01 10.11
N PHE A 9 -17.36 10.49 9.35
CA PHE A 9 -18.04 9.25 9.69
C PHE A 9 -17.50 8.15 8.78
N ILE A 10 -16.97 7.09 9.39
CA ILE A 10 -16.50 5.91 8.65
C ILE A 10 -17.30 4.72 9.15
N MET A 11 -17.81 3.88 8.25
CA MET A 11 -18.60 2.73 8.67
C MET A 11 -18.13 1.47 7.97
N VAL A 12 -17.87 0.42 8.75
CA VAL A 12 -17.63 -0.89 8.13
C VAL A 12 -18.98 -1.50 7.74
N LYS A 13 -19.12 -1.84 6.47
CA LYS A 13 -20.37 -2.37 5.95
C LYS A 13 -20.52 -3.85 6.29
N PRO A 14 -21.71 -4.43 6.04
CA PRO A 14 -21.93 -5.82 6.50
C PRO A 14 -20.92 -6.81 5.94
N ASP A 15 -20.52 -6.64 4.68
CA ASP A 15 -19.51 -7.49 4.09
C ASP A 15 -18.15 -7.33 4.75
N GLY A 16 -17.79 -6.11 5.14
CA GLY A 16 -16.55 -5.87 5.87
C GLY A 16 -16.50 -6.57 7.25
N VAL A 17 -17.62 -6.58 7.96
CA VAL A 17 -17.71 -7.32 9.23
C VAL A 17 -17.61 -8.82 8.99
N GLN A 18 -18.37 -9.31 8.02
CA GLN A 18 -18.42 -10.75 7.70
C GLN A 18 -17.05 -11.27 7.34
N ARG A 19 -16.27 -10.43 6.65
CA ARG A 19 -14.98 -10.87 6.13
C ARG A 19 -13.83 -10.51 7.08
N GLY A 20 -14.14 -10.10 8.29
CA GLY A 20 -13.11 -10.01 9.32
C GLY A 20 -12.18 -8.82 9.14
N LEU A 21 -12.71 -7.69 8.70
CA LEU A 21 -11.88 -6.53 8.37
C LEU A 21 -11.97 -5.38 9.38
N VAL A 22 -12.65 -5.59 10.51
CA VAL A 22 -12.92 -4.48 11.42
C VAL A 22 -11.63 -3.93 12.05
N GLY A 23 -10.83 -4.82 12.63
CA GLY A 23 -9.56 -4.45 13.23
C GLY A 23 -8.58 -3.83 12.26
N LYS A 24 -8.45 -4.44 11.08
CA LYS A 24 -7.56 -3.92 10.04
C LYS A 24 -7.94 -2.50 9.59
N ILE A 25 -9.22 -2.24 9.44
CA ILE A 25 -9.69 -0.91 9.07
C ILE A 25 -9.38 0.11 10.18
N ILE A 26 -9.68 -0.26 11.42
CA ILE A 26 -9.37 0.63 12.53
C ILE A 26 -7.88 0.91 12.64
N GLU A 27 -7.06 -0.12 12.46
CA GLU A 27 -5.61 0.03 12.49
C GLU A 27 -5.09 1.02 11.43
N ARG A 28 -5.68 1.01 10.23
CA ARG A 28 -5.28 1.97 9.19
C ARG A 28 -5.44 3.41 9.68
N PHE A 29 -6.56 3.71 10.33
CA PHE A 29 -6.79 5.06 10.85
C PHE A 29 -5.91 5.39 12.06
N GLU A 30 -5.72 4.44 12.98
CA GLU A 30 -4.85 4.67 14.13
C GLU A 30 -3.41 4.95 13.73
N GLN A 31 -2.87 4.13 12.83
CA GLN A 31 -1.45 4.21 12.47
C GLN A 31 -1.14 5.51 11.69
N LYS A 32 -2.17 6.02 11.01
CA LYS A 32 -2.08 7.29 10.26
C LYS A 32 -1.95 8.48 11.20
N GLY A 33 -2.50 8.35 12.40
CA GLY A 33 -2.47 9.45 13.34
C GLY A 33 -3.83 10.04 13.66
N PHE A 34 -4.88 9.55 13.01
CA PHE A 34 -6.23 10.04 13.28
C PHE A 34 -6.72 9.56 14.62
N ARG A 35 -7.67 10.29 15.16
CA ARG A 35 -8.11 10.08 16.53
C ARG A 35 -9.53 9.53 16.59
N LEU A 36 -9.68 8.40 17.27
CA LEU A 36 -11.01 7.83 17.45
C LEU A 36 -11.89 8.73 18.31
N VAL A 37 -13.11 9.01 17.86
CA VAL A 37 -14.08 9.81 18.62
C VAL A 37 -15.30 8.97 19.04
N ALA A 38 -15.67 7.99 18.24
CA ALA A 38 -16.84 7.18 18.52
C ALA A 38 -16.77 5.85 17.78
N LEU A 39 -17.38 4.83 18.37
CA LEU A 39 -17.29 3.48 17.84
C LEU A 39 -18.49 2.70 18.35
N LYS A 40 -19.16 1.95 17.49
CA LYS A 40 -20.08 0.94 17.99
C LYS A 40 -20.34 -0.17 16.97
N PHE A 41 -21.05 -1.19 17.41
CA PHE A 41 -21.38 -2.35 16.59
C PHE A 41 -22.88 -2.46 16.67
N THR A 42 -23.56 -2.49 15.53
CA THR A 42 -25.03 -2.44 15.54
C THR A 42 -25.62 -3.08 14.28
N TRP A 43 -26.83 -3.63 14.39
CA TRP A 43 -27.62 -4.01 13.20
C TRP A 43 -28.46 -2.80 12.89
N ALA A 44 -28.16 -2.09 11.82
CA ALA A 44 -28.90 -0.88 11.50
C ALA A 44 -30.34 -1.19 11.05
N SER A 45 -31.30 -0.47 11.61
CA SER A 45 -32.70 -0.66 11.22
C SER A 45 -32.92 -0.09 9.82
N LYS A 46 -33.92 -0.57 9.11
CA LYS A 46 -34.29 0.03 7.84
C LYS A 46 -34.64 1.52 8.01
N GLU A 47 -35.24 1.88 9.15
CA GLU A 47 -35.55 3.28 9.43
C GLU A 47 -34.29 4.17 9.37
N LEU A 48 -33.24 3.76 10.07
CA LEU A 48 -31.97 4.51 10.10
C LEU A 48 -31.36 4.52 8.70
N LEU A 49 -31.35 3.37 8.05
CA LEU A 49 -30.74 3.25 6.72
C LEU A 49 -31.48 4.12 5.70
N GLU A 50 -32.79 4.24 5.84
CA GLU A 50 -33.56 5.08 4.93
C GLU A 50 -33.28 6.56 5.17
N LYS A 51 -32.85 6.91 6.38
CA LYS A 51 -32.40 8.27 6.62
C LYS A 51 -30.98 8.47 6.07
N HIS A 52 -30.10 7.52 6.33
CA HIS A 52 -28.73 7.64 5.84
C HIS A 52 -28.71 7.77 4.31
N TYR A 53 -29.54 7.00 3.64
CA TYR A 53 -29.57 6.99 2.18
C TYR A 53 -30.75 7.80 1.63
N ALA A 54 -31.23 8.78 2.37
CA ALA A 54 -32.47 9.48 1.97
C ALA A 54 -32.38 10.12 0.59
N ASP A 55 -31.20 10.59 0.20
CA ASP A 55 -31.04 11.20 -1.10
C ASP A 55 -31.31 10.22 -2.24
N LEU A 56 -31.31 8.93 -1.94
CA LEU A 56 -31.44 7.93 -2.99
C LEU A 56 -32.84 7.34 -3.08
N SER A 57 -33.77 7.89 -2.29
CA SER A 57 -35.12 7.32 -2.11
C SER A 57 -35.89 6.99 -3.40
N ALA A 58 -35.67 7.77 -4.45
CA ALA A 58 -36.41 7.59 -5.70
C ALA A 58 -35.68 6.64 -6.67
N ARG A 59 -34.46 6.21 -6.34
CA ARG A 59 -33.70 5.34 -7.27
C ARG A 59 -34.23 3.91 -7.25
N PRO A 60 -34.17 3.22 -8.41
CA PRO A 60 -34.77 1.88 -8.46
C PRO A 60 -34.05 0.85 -7.59
N PHE A 61 -32.78 1.12 -7.30
CA PHE A 61 -31.99 0.21 -6.50
C PHE A 61 -32.16 0.45 -5.00
N PHE A 62 -32.94 1.48 -4.62
CA PHE A 62 -33.01 1.89 -3.21
C PHE A 62 -33.50 0.81 -2.26
N PRO A 63 -34.62 0.17 -2.59
CA PRO A 63 -35.13 -0.87 -1.69
C PRO A 63 -34.13 -2.01 -1.48
N GLY A 64 -33.51 -2.47 -2.55
CA GLY A 64 -32.51 -3.51 -2.46
C GLY A 64 -31.28 -3.08 -1.67
N LEU A 65 -30.88 -1.83 -1.84
CA LEU A 65 -29.75 -1.29 -1.07
C LEU A 65 -30.06 -1.30 0.42
N VAL A 66 -31.24 -0.80 0.80
CA VAL A 66 -31.64 -0.80 2.19
C VAL A 66 -31.74 -2.22 2.75
N ASN A 67 -32.33 -3.12 1.98
CA ASN A 67 -32.43 -4.51 2.41
C ASN A 67 -31.04 -5.11 2.63
N TYR A 68 -30.13 -4.85 1.70
CA TYR A 68 -28.78 -5.39 1.84
C TYR A 68 -28.08 -4.81 3.07
N MET A 69 -28.18 -3.50 3.28
CA MET A 69 -27.51 -2.87 4.40
C MET A 69 -28.13 -3.27 5.73
N ASN A 70 -29.33 -3.84 5.67
CA ASN A 70 -30.03 -4.38 6.82
C ASN A 70 -29.87 -5.91 6.92
N SER A 71 -28.95 -6.50 6.14
CA SER A 71 -28.80 -7.96 6.11
C SER A 71 -27.71 -8.50 7.04
N GLY A 72 -26.97 -7.60 7.67
CA GLY A 72 -25.98 -7.97 8.67
C GLY A 72 -25.53 -6.72 9.42
N PRO A 73 -24.81 -6.91 10.52
CA PRO A 73 -24.39 -5.77 11.33
C PRO A 73 -23.24 -4.94 10.73
N VAL A 74 -23.09 -3.72 11.22
CA VAL A 74 -22.12 -2.76 10.72
C VAL A 74 -21.37 -2.14 11.88
N VAL A 75 -20.23 -1.49 11.57
CA VAL A 75 -19.44 -0.80 12.57
C VAL A 75 -19.33 0.68 12.23
N PRO A 76 -20.25 1.49 12.77
CA PRO A 76 -20.15 2.94 12.60
C PRO A 76 -19.07 3.54 13.50
N MET A 77 -18.36 4.53 12.98
CA MET A 77 -17.28 5.19 13.72
C MET A 77 -17.19 6.65 13.34
N VAL A 78 -16.55 7.42 14.22
CA VAL A 78 -16.20 8.79 13.95
C VAL A 78 -14.71 8.95 14.25
N TRP A 79 -14.01 9.60 13.32
CA TRP A 79 -12.59 9.90 13.44
C TRP A 79 -12.36 11.40 13.31
N GLU A 80 -11.35 11.88 14.03
CA GLU A 80 -11.01 13.29 14.04
C GLU A 80 -9.58 13.59 13.60
N GLY A 81 -9.44 14.69 12.88
CA GLY A 81 -8.12 15.17 12.51
C GLY A 81 -8.14 16.08 11.31
N LEU A 82 -6.96 16.64 11.03
CA LEU A 82 -6.81 17.54 9.89
C LEU A 82 -7.20 16.87 8.56
N ASN A 83 -8.15 17.51 7.87
CA ASN A 83 -8.67 17.04 6.59
C ASN A 83 -9.07 15.57 6.62
N VAL A 84 -9.59 15.12 7.75
CA VAL A 84 -9.93 13.71 7.90
C VAL A 84 -11.02 13.29 6.91
N VAL A 85 -11.90 14.21 6.50
CA VAL A 85 -12.91 13.83 5.52
C VAL A 85 -12.27 13.45 4.20
N LYS A 86 -11.55 14.37 3.57
CA LYS A 86 -10.99 14.09 2.26
C LYS A 86 -9.86 13.06 2.34
N THR A 87 -9.07 13.09 3.41
CA THR A 87 -7.97 12.13 3.53
C THR A 87 -8.51 10.74 3.83
N GLY A 88 -9.57 10.69 4.63
CA GLY A 88 -10.30 9.45 4.82
C GLY A 88 -10.74 8.82 3.52
N ARG A 89 -11.34 9.61 2.63
CA ARG A 89 -11.78 9.09 1.33
C ARG A 89 -10.60 8.57 0.53
N GLN A 90 -9.47 9.28 0.61
CA GLN A 90 -8.23 8.82 -0.04
C GLN A 90 -7.77 7.45 0.46
N MET A 91 -7.79 7.29 1.78
CA MET A 91 -7.43 6.03 2.44
C MET A 91 -8.36 4.87 2.06
N LEU A 92 -9.65 5.16 1.87
CA LEU A 92 -10.63 4.17 1.50
C LEU A 92 -10.44 3.69 0.07
N GLY A 93 -10.04 4.62 -0.78
CA GLY A 93 -9.92 4.37 -2.20
C GLY A 93 -11.22 4.70 -2.91
N ALA A 94 -11.18 4.61 -4.24
CA ALA A 94 -12.35 4.88 -5.05
C ALA A 94 -13.55 4.06 -4.57
N THR A 95 -14.75 4.60 -4.73
CA THR A 95 -15.96 3.94 -4.29
C THR A 95 -16.15 2.62 -5.02
N ASN A 96 -15.81 2.61 -6.31
CA ASN A 96 -15.78 1.37 -7.07
C ASN A 96 -14.43 0.68 -6.92
N PRO A 97 -14.38 -0.48 -6.25
CA PRO A 97 -13.10 -1.14 -5.94
C PRO A 97 -12.25 -1.42 -7.17
N ALA A 98 -12.90 -1.59 -8.31
CA ALA A 98 -12.19 -1.80 -9.58
C ALA A 98 -11.15 -0.68 -9.81
N ASP A 99 -11.53 0.53 -9.43
CA ASP A 99 -10.67 1.69 -9.62
C ASP A 99 -9.84 2.00 -8.39
N SER A 100 -10.07 1.32 -7.27
CA SER A 100 -9.29 1.56 -6.06
C SER A 100 -7.88 0.98 -6.18
N LYS A 101 -6.89 1.77 -5.86
CA LYS A 101 -5.54 1.29 -6.03
C LYS A 101 -5.03 0.55 -4.82
N PRO A 102 -4.09 -0.38 -5.06
CA PRO A 102 -3.39 -1.08 -3.98
C PRO A 102 -2.85 -0.08 -2.99
N GLY A 103 -2.98 -0.40 -1.72
CA GLY A 103 -2.61 0.49 -0.64
C GLY A 103 -3.82 1.08 0.04
N THR A 104 -4.91 1.21 -0.71
CA THR A 104 -6.15 1.70 -0.14
C THR A 104 -6.92 0.53 0.50
N ILE A 105 -7.87 0.84 1.37
CA ILE A 105 -8.66 -0.18 2.01
C ILE A 105 -9.42 -0.99 0.97
N ARG A 106 -10.14 -0.32 0.08
CA ARG A 106 -10.89 -1.06 -0.93
C ARG A 106 -9.98 -1.75 -1.92
N GLY A 107 -8.87 -1.10 -2.24
CA GLY A 107 -7.93 -1.63 -3.20
C GLY A 107 -7.30 -2.92 -2.70
N ASP A 108 -7.03 -2.98 -1.40
CA ASP A 108 -6.44 -4.18 -0.83
C ASP A 108 -7.42 -5.31 -0.53
N PHE A 109 -8.67 -4.98 -0.21
CA PHE A 109 -9.56 -5.95 0.46
C PHE A 109 -10.92 -6.31 -0.17
N CYS A 110 -11.29 -5.73 -1.31
CA CYS A 110 -12.55 -6.10 -1.94
C CYS A 110 -12.54 -5.90 -3.45
N ILE A 111 -13.61 -6.33 -4.09
CA ILE A 111 -13.60 -6.50 -5.54
C ILE A 111 -14.71 -5.75 -6.27
N GLN A 112 -15.94 -5.83 -5.76
CA GLN A 112 -17.11 -5.35 -6.49
C GLN A 112 -17.86 -4.24 -5.76
N VAL A 113 -18.38 -3.29 -6.52
CA VAL A 113 -18.91 -2.07 -5.92
C VAL A 113 -20.07 -2.32 -4.95
N GLY A 114 -20.89 -3.34 -5.19
CA GLY A 114 -22.00 -3.63 -4.28
C GLY A 114 -21.59 -4.32 -2.98
N ARG A 115 -20.33 -4.72 -2.91
CA ARG A 115 -19.73 -5.32 -1.72
C ARG A 115 -18.41 -4.59 -1.50
N ASN A 116 -18.49 -3.31 -1.18
CA ASN A 116 -17.29 -2.48 -1.14
C ASN A 116 -16.87 -2.08 0.28
N ILE A 117 -17.27 -2.94 1.22
CA ILE A 117 -16.84 -3.09 2.62
C ILE A 117 -16.88 -1.88 3.57
N ILE A 118 -16.90 -0.67 3.03
CA ILE A 118 -16.71 0.50 3.89
C ILE A 118 -17.37 1.72 3.28
N HIS A 119 -17.75 2.66 4.15
CA HIS A 119 -18.26 3.95 3.74
C HIS A 119 -17.48 5.04 4.45
N GLY A 120 -17.20 6.16 3.77
CA GLY A 120 -16.71 7.37 4.42
C GLY A 120 -17.48 8.58 3.94
N SER A 121 -17.69 9.58 4.80
CA SER A 121 -18.39 10.81 4.42
C SER A 121 -17.69 11.48 3.24
N ASP A 122 -18.46 12.06 2.32
CA ASP A 122 -17.86 12.67 1.14
C ASP A 122 -17.58 14.16 1.27
N ALA A 123 -18.00 14.79 2.37
CA ALA A 123 -17.75 16.22 2.56
C ALA A 123 -17.92 16.57 4.02
N VAL A 124 -17.45 17.74 4.45
CA VAL A 124 -17.55 18.10 5.85
C VAL A 124 -19.04 18.20 6.28
N LYS A 125 -19.85 18.81 5.43
CA LYS A 125 -21.27 18.95 5.75
C LYS A 125 -21.99 17.60 5.83
N SER A 126 -21.72 16.71 4.88
CA SER A 126 -22.34 15.39 4.93
C SER A 126 -21.83 14.60 6.15
N ALA A 127 -20.56 14.79 6.53
CA ALA A 127 -20.04 14.14 7.74
C ALA A 127 -20.80 14.58 8.98
N GLU A 128 -21.05 15.88 9.11
CA GLU A 128 -21.74 16.39 10.27
C GLU A 128 -23.13 15.75 10.36
N LYS A 129 -23.81 15.66 9.21
CA LYS A 129 -25.12 15.04 9.14
C LYS A 129 -25.06 13.55 9.52
N GLU A 130 -24.10 12.83 8.96
CA GLU A 130 -23.98 11.40 9.24
C GLU A 130 -23.65 11.12 10.71
N ILE A 131 -22.77 11.93 11.28
CA ILE A 131 -22.43 11.80 12.68
C ILE A 131 -23.68 11.96 13.57
N ALA A 132 -24.51 12.95 13.26
CA ALA A 132 -25.74 13.21 14.01
C ALA A 132 -26.79 12.11 13.81
N LEU A 133 -26.82 11.50 12.62
CA LEU A 133 -27.74 10.39 12.36
C LEU A 133 -27.38 9.13 13.14
N TRP A 134 -26.10 8.78 13.15
CA TRP A 134 -25.67 7.50 13.69
C TRP A 134 -25.28 7.53 15.16
N PHE A 135 -24.91 8.69 15.66
CA PHE A 135 -24.50 8.83 17.06
C PHE A 135 -25.27 9.93 17.79
N ASN A 136 -25.43 9.78 19.09
CA ASN A 136 -25.83 10.93 19.90
C ASN A 136 -24.60 11.60 20.46
N GLU A 137 -24.75 12.84 20.88
CA GLU A 137 -23.61 13.64 21.29
C GLU A 137 -22.87 13.04 22.47
N LYS A 138 -23.58 12.33 23.35
CA LYS A 138 -22.95 11.73 24.52
C LYS A 138 -22.08 10.53 24.16
N GLU A 139 -22.25 9.99 22.94
CA GLU A 139 -21.38 8.89 22.49
C GLU A 139 -20.09 9.40 21.85
N LEU A 140 -19.97 10.71 21.66
CA LEU A 140 -18.77 11.28 21.05
C LEU A 140 -17.79 11.61 22.16
N VAL A 141 -16.61 11.01 22.11
CA VAL A 141 -15.66 11.14 23.20
C VAL A 141 -14.65 12.25 22.95
N THR A 142 -14.51 13.18 23.90
CA THR A 142 -13.41 14.12 23.81
C THR A 142 -12.23 13.71 24.69
N TRP A 143 -11.08 13.62 24.04
CA TRP A 143 -9.84 13.25 24.69
C TRP A 143 -8.64 13.78 23.91
N THR A 144 -7.48 13.70 24.55
CA THR A 144 -6.26 14.24 24.03
C THR A 144 -5.20 13.15 23.97
N PRO A 145 -4.78 12.77 22.76
CA PRO A 145 -3.71 11.78 22.60
C PRO A 145 -2.34 12.31 23.07
N ALA A 146 -1.61 11.46 23.80
CA ALA A 146 -0.25 11.79 24.21
C ALA A 146 0.63 12.20 23.03
N ALA A 147 0.35 11.67 21.85
CA ALA A 147 1.20 11.91 20.67
C ALA A 147 0.83 13.18 19.89
N LYS A 148 -0.17 13.92 20.37
CA LYS A 148 -0.74 15.02 19.60
C LYS A 148 0.32 15.98 19.03
N ASP A 149 1.30 16.37 19.84
CA ASP A 149 2.24 17.41 19.39
C ASP A 149 3.33 16.86 18.46
N TRP A 150 3.33 15.53 18.29
CA TRP A 150 4.19 14.87 17.33
C TRP A 150 3.44 14.56 16.03
N ILE A 151 2.12 14.75 16.04
CA ILE A 151 1.29 14.56 14.85
C ILE A 151 0.95 15.89 14.21
N TYR A 152 0.79 16.93 15.04
CA TYR A 152 0.42 18.26 14.57
C TYR A 152 1.45 19.34 14.88
N GLU A 153 1.70 20.20 13.90
CA GLU A 153 2.45 21.42 14.12
C GLU A 153 1.81 22.20 15.29
N MET B 1 -18.25 -18.06 -19.41
CA MET B 1 -18.05 -16.68 -19.83
C MET B 1 -18.49 -15.70 -18.75
N ALA B 2 -19.06 -16.23 -17.68
CA ALA B 2 -19.52 -15.41 -16.56
C ALA B 2 -18.39 -14.51 -16.05
N ALA B 3 -18.68 -13.22 -15.95
CA ALA B 3 -17.68 -12.21 -15.57
C ALA B 3 -16.93 -12.61 -14.30
N ASN B 4 -17.67 -13.05 -13.30
CA ASN B 4 -17.10 -13.38 -11.99
C ASN B 4 -16.26 -14.65 -12.00
N LYS B 5 -16.34 -15.39 -13.10
CA LYS B 5 -15.60 -16.65 -13.22
C LYS B 5 -14.34 -16.54 -14.09
N GLU B 6 -13.99 -15.32 -14.45
CA GLU B 6 -12.78 -15.07 -15.20
C GLU B 6 -11.58 -15.57 -14.42
N ARG B 7 -10.58 -16.06 -15.14
CA ARG B 7 -9.37 -16.59 -14.51
C ARG B 7 -8.13 -15.94 -15.12
N THR B 8 -7.10 -15.79 -14.30
CA THR B 8 -5.82 -15.33 -14.80
C THR B 8 -4.70 -16.22 -14.30
N PHE B 9 -3.57 -16.13 -15.01
CA PHE B 9 -2.36 -16.85 -14.63
C PHE B 9 -1.37 -15.91 -13.92
N ILE B 10 -1.03 -16.29 -12.69
CA ILE B 10 -0.07 -15.55 -11.90
C ILE B 10 1.07 -16.50 -11.53
N MET B 11 2.30 -16.05 -11.68
CA MET B 11 3.45 -16.91 -11.42
C MET B 11 4.52 -16.18 -10.63
N VAL B 12 4.95 -16.76 -9.52
CA VAL B 12 6.11 -16.25 -8.80
C VAL B 12 7.36 -16.71 -9.52
N LYS B 13 8.20 -15.76 -9.89
CA LYS B 13 9.39 -16.01 -10.68
C LYS B 13 10.52 -16.50 -9.78
N PRO B 14 11.62 -16.95 -10.38
CA PRO B 14 12.64 -17.54 -9.50
C PRO B 14 13.18 -16.62 -8.40
N ASP B 15 13.28 -15.31 -8.66
CA ASP B 15 13.76 -14.39 -7.64
C ASP B 15 12.74 -14.22 -6.51
N GLY B 16 11.45 -14.25 -6.84
CA GLY B 16 10.39 -14.19 -5.83
C GLY B 16 10.46 -15.40 -4.91
N VAL B 17 10.70 -16.58 -5.47
CA VAL B 17 10.90 -17.75 -4.65
C VAL B 17 12.14 -17.61 -3.78
N GLN B 18 13.26 -17.25 -4.40
CA GLN B 18 14.53 -17.14 -3.69
C GLN B 18 14.44 -16.14 -2.53
N ARG B 19 13.70 -15.06 -2.75
CA ARG B 19 13.62 -14.00 -1.75
C ARG B 19 12.45 -14.16 -0.75
N GLY B 20 11.81 -15.32 -0.77
CA GLY B 20 10.85 -15.66 0.27
C GLY B 20 9.54 -14.88 0.21
N LEU B 21 9.02 -14.69 -1.00
CA LEU B 21 7.83 -13.87 -1.22
C LEU B 21 6.60 -14.66 -1.60
N VAL B 22 6.69 -15.99 -1.62
CA VAL B 22 5.57 -16.78 -2.13
C VAL B 22 4.29 -16.58 -1.29
N GLY B 23 4.40 -16.77 0.01
CA GLY B 23 3.28 -16.58 0.93
C GLY B 23 2.72 -15.18 0.91
N LYS B 24 3.58 -14.19 0.96
CA LYS B 24 3.13 -12.80 0.89
C LYS B 24 2.30 -12.50 -0.36
N ILE B 25 2.71 -13.06 -1.50
CA ILE B 25 2.01 -12.84 -2.75
C ILE B 25 0.65 -13.53 -2.74
N ILE B 26 0.61 -14.79 -2.28
CA ILE B 26 -0.65 -15.50 -2.20
C ILE B 26 -1.61 -14.75 -1.26
N GLU B 27 -1.08 -14.23 -0.18
CA GLU B 27 -1.91 -13.55 0.82
C GLU B 27 -2.57 -12.31 0.22
N ARG B 28 -1.87 -11.63 -0.67
CA ARG B 28 -2.44 -10.46 -1.29
C ARG B 28 -3.67 -10.82 -2.13
N PHE B 29 -3.60 -11.95 -2.83
CA PHE B 29 -4.75 -12.41 -3.60
C PHE B 29 -5.91 -12.91 -2.71
N GLU B 30 -5.59 -13.65 -1.66
CA GLU B 30 -6.63 -14.12 -0.76
C GLU B 30 -7.37 -12.95 -0.07
N GLN B 31 -6.62 -11.98 0.44
CA GLN B 31 -7.22 -10.92 1.24
C GLN B 31 -8.10 -10.01 0.36
N LYS B 32 -7.75 -9.91 -0.92
CA LYS B 32 -8.53 -9.15 -1.89
C LYS B 32 -9.90 -9.79 -2.14
N GLY B 33 -9.96 -11.12 -2.02
CA GLY B 33 -11.19 -11.84 -2.24
C GLY B 33 -11.18 -12.69 -3.48
N PHE B 34 -10.03 -12.79 -4.14
CA PHE B 34 -9.93 -13.67 -5.30
C PHE B 34 -9.80 -15.12 -4.84
N ARG B 35 -10.19 -16.02 -5.74
CA ARG B 35 -10.31 -17.45 -5.47
C ARG B 35 -9.20 -18.26 -6.14
N LEU B 36 -8.44 -18.96 -5.32
CA LEU B 36 -7.39 -19.84 -5.82
C LEU B 36 -8.01 -21.01 -6.59
N VAL B 37 -7.47 -21.29 -7.77
CA VAL B 37 -7.95 -22.38 -8.61
C VAL B 37 -6.88 -23.43 -8.84
N ALA B 38 -5.63 -23.00 -8.90
CA ALA B 38 -4.54 -23.94 -9.12
C ALA B 38 -3.24 -23.39 -8.56
N LEU B 39 -2.34 -24.29 -8.18
CA LEU B 39 -1.11 -23.91 -7.53
C LEU B 39 -0.11 -25.05 -7.66
N LYS B 40 1.12 -24.74 -8.07
CA LYS B 40 2.18 -25.76 -8.00
C LYS B 40 3.55 -25.12 -7.84
N PHE B 41 4.55 -25.96 -7.61
CA PHE B 41 5.94 -25.52 -7.46
C PHE B 41 6.72 -26.40 -8.42
N THR B 42 7.46 -25.81 -9.34
CA THR B 42 8.14 -26.60 -10.37
C THR B 42 9.35 -25.88 -10.93
N TRP B 43 10.30 -26.66 -11.46
CA TRP B 43 11.42 -26.10 -12.18
C TRP B 43 11.04 -26.17 -13.66
N ALA B 44 10.81 -25.02 -14.29
CA ALA B 44 10.28 -25.00 -15.66
C ALA B 44 11.37 -25.34 -16.69
N SER B 45 11.04 -26.20 -17.64
CA SER B 45 11.97 -26.57 -18.71
C SER B 45 12.16 -25.38 -19.65
N LYS B 46 13.31 -25.34 -20.32
CA LYS B 46 13.54 -24.32 -21.32
C LYS B 46 12.49 -24.41 -22.40
N GLU B 47 12.05 -25.62 -22.69
CA GLU B 47 11.05 -25.84 -23.72
C GLU B 47 9.76 -25.12 -23.37
N LEU B 48 9.29 -25.31 -22.14
CA LEU B 48 8.07 -24.66 -21.67
C LEU B 48 8.26 -23.13 -21.66
N LEU B 49 9.40 -22.69 -21.13
CA LEU B 49 9.71 -21.26 -21.05
C LEU B 49 9.74 -20.60 -22.42
N GLU B 50 10.27 -21.29 -23.42
CA GLU B 50 10.28 -20.70 -24.76
C GLU B 50 8.86 -20.50 -25.32
N LYS B 51 7.95 -21.38 -24.96
CA LYS B 51 6.55 -21.23 -25.36
C LYS B 51 5.92 -20.06 -24.61
N HIS B 52 6.09 -20.04 -23.29
CA HIS B 52 5.54 -18.96 -22.48
C HIS B 52 6.02 -17.60 -22.99
N TYR B 53 7.30 -17.48 -23.31
CA TYR B 53 7.88 -16.21 -23.78
C TYR B 53 8.05 -16.11 -25.31
N ALA B 54 7.25 -16.86 -26.04
CA ALA B 54 7.39 -16.93 -27.50
C ALA B 54 7.42 -15.54 -28.15
N ASP B 55 6.63 -14.61 -27.62
CA ASP B 55 6.58 -13.26 -28.16
C ASP B 55 7.91 -12.50 -28.12
N LEU B 56 8.85 -12.97 -27.31
CA LEU B 56 10.14 -12.30 -27.17
C LEU B 56 11.27 -12.99 -27.92
N SER B 57 10.97 -14.01 -28.72
CA SER B 57 12.01 -14.86 -29.30
C SER B 57 12.88 -14.14 -30.32
N ALA B 58 12.34 -13.08 -30.94
CA ALA B 58 13.06 -12.29 -31.92
C ALA B 58 13.51 -10.97 -31.35
N ARG B 59 13.48 -10.84 -30.02
CA ARG B 59 13.91 -9.61 -29.34
C ARG B 59 15.22 -9.89 -28.58
N PRO B 60 15.92 -8.82 -28.18
CA PRO B 60 17.23 -8.96 -27.57
C PRO B 60 17.27 -9.88 -26.34
N PHE B 61 18.31 -10.71 -26.26
CA PHE B 61 18.70 -11.46 -25.08
C PHE B 61 17.65 -12.48 -24.66
N PHE B 62 17.11 -13.15 -25.67
CA PHE B 62 16.11 -14.19 -25.46
C PHE B 62 16.73 -15.42 -24.80
N PRO B 63 17.87 -15.92 -25.32
CA PRO B 63 18.48 -17.08 -24.65
C PRO B 63 18.84 -16.75 -23.20
N GLY B 64 19.31 -15.54 -22.94
CA GLY B 64 19.57 -15.06 -21.59
C GLY B 64 18.34 -15.09 -20.68
N LEU B 65 17.22 -14.62 -21.20
CA LEU B 65 15.94 -14.67 -20.47
C LEU B 65 15.53 -16.11 -20.15
N VAL B 66 15.55 -16.96 -21.17
CA VAL B 66 15.19 -18.35 -20.97
C VAL B 66 16.12 -19.03 -19.96
N ASN B 67 17.42 -18.79 -20.08
CA ASN B 67 18.36 -19.38 -19.13
C ASN B 67 18.10 -18.91 -17.70
N TYR B 68 17.83 -17.61 -17.55
CA TYR B 68 17.55 -17.07 -16.22
C TYR B 68 16.27 -17.67 -15.63
N MET B 69 15.21 -17.78 -16.42
CA MET B 69 13.96 -18.33 -15.93
C MET B 69 14.03 -19.85 -15.67
N ASN B 70 15.07 -20.49 -16.23
CA ASN B 70 15.39 -21.91 -16.00
C ASN B 70 16.46 -22.06 -14.91
N SER B 71 16.79 -20.98 -14.19
CA SER B 71 17.87 -21.06 -13.19
C SER B 71 17.38 -21.35 -11.76
N GLY B 72 16.08 -21.40 -11.57
CA GLY B 72 15.49 -21.63 -10.25
C GLY B 72 14.02 -21.96 -10.42
N PRO B 73 13.40 -22.56 -9.40
CA PRO B 73 12.00 -22.96 -9.49
C PRO B 73 11.03 -21.79 -9.40
N VAL B 74 9.82 -22.00 -9.89
CA VAL B 74 8.78 -20.99 -9.97
C VAL B 74 7.49 -21.53 -9.34
N VAL B 75 6.54 -20.63 -9.07
CA VAL B 75 5.25 -21.01 -8.51
C VAL B 75 4.13 -20.53 -9.42
N PRO B 76 3.71 -21.40 -10.36
CA PRO B 76 2.59 -21.09 -11.25
C PRO B 76 1.28 -21.20 -10.49
N MET B 77 0.35 -20.28 -10.76
CA MET B 77 -0.94 -20.24 -10.07
C MET B 77 -2.06 -19.81 -11.01
N VAL B 78 -3.29 -20.17 -10.67
CA VAL B 78 -4.45 -19.68 -11.36
C VAL B 78 -5.40 -19.09 -10.32
N TRP B 79 -5.88 -17.87 -10.59
CA TRP B 79 -6.80 -17.18 -9.70
C TRP B 79 -8.05 -16.79 -10.44
N GLU B 80 -9.18 -16.85 -9.74
CA GLU B 80 -10.48 -16.58 -10.35
C GLU B 80 -11.22 -15.44 -9.69
N GLY B 81 -11.85 -14.60 -10.51
CA GLY B 81 -12.77 -13.60 -9.98
C GLY B 81 -13.11 -12.53 -11.01
N LEU B 82 -14.00 -11.62 -10.64
CA LEU B 82 -14.40 -10.51 -11.52
C LEU B 82 -13.21 -9.69 -11.96
N ASN B 83 -13.08 -9.48 -13.27
CA ASN B 83 -11.95 -8.75 -13.84
C ASN B 83 -10.58 -9.09 -13.21
N VAL B 84 -10.38 -10.37 -12.88
CA VAL B 84 -9.14 -10.76 -12.21
C VAL B 84 -7.92 -10.55 -13.10
N VAL B 85 -8.09 -10.58 -14.42
CA VAL B 85 -6.93 -10.37 -15.28
C VAL B 85 -6.42 -8.94 -15.10
N LYS B 86 -7.29 -7.97 -15.31
CA LYS B 86 -6.92 -6.57 -15.23
C LYS B 86 -6.59 -6.14 -13.79
N THR B 87 -7.38 -6.62 -12.85
CA THR B 87 -7.18 -6.23 -11.45
C THR B 87 -5.93 -6.89 -10.91
N GLY B 88 -5.68 -8.13 -11.30
CA GLY B 88 -4.43 -8.79 -10.99
C GLY B 88 -3.22 -7.96 -11.40
N ARG B 89 -3.25 -7.44 -12.63
CA ARG B 89 -2.13 -6.63 -13.13
C ARG B 89 -1.97 -5.39 -12.30
N GLN B 90 -3.09 -4.78 -11.93
CA GLN B 90 -3.06 -3.60 -11.05
C GLN B 90 -2.45 -3.94 -9.69
N MET B 91 -2.80 -5.09 -9.13
CA MET B 91 -2.23 -5.53 -7.86
C MET B 91 -0.71 -5.80 -7.96
N LEU B 92 -0.26 -6.37 -9.07
CA LEU B 92 1.17 -6.61 -9.33
C LEU B 92 1.92 -5.29 -9.47
N GLY B 93 1.26 -4.32 -10.10
CA GLY B 93 1.88 -3.04 -10.37
C GLY B 93 2.53 -3.06 -11.73
N ALA B 94 3.09 -1.94 -12.15
CA ALA B 94 3.78 -1.87 -13.43
C ALA B 94 4.86 -2.92 -13.51
N THR B 95 5.10 -3.40 -14.73
CA THR B 95 6.09 -4.43 -14.96
C THR B 95 7.48 -4.00 -14.56
N ASN B 96 7.84 -2.74 -14.83
CA ASN B 96 9.13 -2.22 -14.34
C ASN B 96 8.93 -1.70 -12.92
N PRO B 97 9.64 -2.27 -11.92
CA PRO B 97 9.31 -1.91 -10.54
C PRO B 97 9.61 -0.46 -10.16
N ALA B 98 10.39 0.27 -10.95
CA ALA B 98 10.63 1.67 -10.62
C ALA B 98 9.35 2.47 -10.90
N ASP B 99 8.54 1.98 -11.83
CA ASP B 99 7.28 2.62 -12.17
C ASP B 99 6.13 2.08 -11.31
N SER B 100 6.34 0.93 -10.68
CA SER B 100 5.28 0.32 -9.87
C SER B 100 5.07 1.16 -8.62
N LYS B 101 3.82 1.44 -8.30
CA LYS B 101 3.52 2.29 -7.14
C LYS B 101 3.61 1.55 -5.82
N PRO B 102 4.05 2.24 -4.77
CA PRO B 102 3.98 1.61 -3.45
C PRO B 102 2.58 1.09 -3.19
N GLY B 103 2.49 -0.07 -2.52
CA GLY B 103 1.21 -0.72 -2.31
C GLY B 103 1.05 -1.91 -3.24
N THR B 104 1.65 -1.82 -4.42
CA THR B 104 1.66 -2.95 -5.34
C THR B 104 2.72 -3.99 -4.94
N ILE B 105 2.58 -5.21 -5.44
CA ILE B 105 3.56 -6.26 -5.18
C ILE B 105 4.95 -5.86 -5.68
N ARG B 106 5.07 -5.45 -6.95
CA ARG B 106 6.40 -5.10 -7.46
C ARG B 106 6.91 -3.82 -6.82
N GLY B 107 5.99 -2.90 -6.56
CA GLY B 107 6.33 -1.65 -5.92
C GLY B 107 6.94 -1.85 -4.53
N ASP B 108 6.39 -2.80 -3.79
CA ASP B 108 6.85 -2.99 -2.41
C ASP B 108 8.11 -3.86 -2.32
N PHE B 109 8.29 -4.79 -3.26
CA PHE B 109 9.21 -5.88 -3.02
C PHE B 109 10.37 -6.14 -4.01
N CYS B 110 10.49 -5.35 -5.08
CA CYS B 110 11.61 -5.55 -6.00
C CYS B 110 12.02 -4.25 -6.71
N ILE B 111 13.06 -4.31 -7.53
CA ILE B 111 13.70 -3.10 -8.01
C ILE B 111 13.86 -3.02 -9.55
N GLN B 112 14.32 -4.11 -10.16
CA GLN B 112 14.79 -4.11 -11.55
C GLN B 112 13.91 -5.00 -12.42
N VAL B 113 13.65 -4.57 -13.65
CA VAL B 113 12.59 -5.19 -14.47
C VAL B 113 12.84 -6.67 -14.81
N GLY B 114 14.10 -7.07 -14.94
CA GLY B 114 14.44 -8.47 -15.21
C GLY B 114 14.54 -9.31 -13.96
N ARG B 115 14.30 -8.68 -12.80
CA ARG B 115 14.22 -9.35 -11.51
C ARG B 115 12.99 -8.81 -10.79
N ASN B 116 11.83 -9.00 -11.41
CA ASN B 116 10.60 -8.34 -10.99
C ASN B 116 9.58 -9.32 -10.41
N ILE B 117 10.12 -10.38 -9.82
CA ILE B 117 9.46 -11.37 -8.93
C ILE B 117 8.17 -12.06 -9.34
N ILE B 118 7.41 -11.49 -10.27
CA ILE B 118 6.09 -12.05 -10.55
C ILE B 118 5.64 -11.76 -11.98
N HIS B 119 4.79 -12.63 -12.49
CA HIS B 119 4.17 -12.44 -13.80
C HIS B 119 2.65 -12.53 -13.64
N GLY B 120 1.92 -11.72 -14.41
CA GLY B 120 0.48 -11.89 -14.51
C GLY B 120 0.06 -11.77 -15.96
N SER B 121 -0.94 -12.54 -16.40
CA SER B 121 -1.42 -12.47 -17.78
C SER B 121 -1.81 -11.05 -18.16
N ASP B 122 -1.62 -10.66 -19.41
CA ASP B 122 -1.93 -9.28 -19.79
C ASP B 122 -3.32 -9.11 -20.42
N ALA B 123 -4.02 -10.21 -20.64
CA ALA B 123 -5.35 -10.12 -21.23
C ALA B 123 -6.09 -11.43 -21.02
N VAL B 124 -7.40 -11.43 -21.22
CA VAL B 124 -8.18 -12.66 -21.02
C VAL B 124 -7.71 -13.75 -21.97
N LYS B 125 -7.39 -13.37 -23.20
CA LYS B 125 -6.95 -14.33 -24.19
C LYS B 125 -5.57 -14.91 -23.87
N SER B 126 -4.63 -14.09 -23.43
CA SER B 126 -3.34 -14.64 -23.06
C SER B 126 -3.44 -15.47 -21.78
N ALA B 127 -4.35 -15.11 -20.88
CA ALA B 127 -4.56 -15.93 -19.67
C ALA B 127 -5.00 -17.36 -20.03
N GLU B 128 -5.95 -17.48 -20.96
CA GLU B 128 -6.44 -18.77 -21.36
C GLU B 128 -5.30 -19.60 -21.90
N LYS B 129 -4.46 -18.99 -22.73
CA LYS B 129 -3.31 -19.70 -23.29
C LYS B 129 -2.29 -20.08 -22.20
N GLU B 130 -1.99 -19.17 -21.29
CA GLU B 130 -0.99 -19.44 -20.25
C GLU B 130 -1.47 -20.52 -19.27
N ILE B 131 -2.75 -20.47 -18.92
CA ILE B 131 -3.32 -21.47 -18.04
C ILE B 131 -3.19 -22.87 -18.67
N ALA B 132 -3.52 -22.96 -19.96
CA ALA B 132 -3.47 -24.22 -20.69
C ALA B 132 -2.02 -24.69 -20.84
N LEU B 133 -1.09 -23.73 -20.95
CA LEU B 133 0.32 -24.08 -21.10
C LEU B 133 0.90 -24.68 -19.81
N TRP B 134 0.59 -24.09 -18.67
CA TRP B 134 1.25 -24.46 -17.42
C TRP B 134 0.51 -25.51 -16.58
N PHE B 135 -0.79 -25.67 -16.82
CA PHE B 135 -1.59 -26.63 -16.05
C PHE B 135 -2.36 -27.61 -16.95
N ASN B 136 -2.68 -28.79 -16.44
CA ASN B 136 -3.68 -29.66 -17.05
C ASN B 136 -5.04 -29.30 -16.48
N GLU B 137 -6.10 -29.53 -17.24
CA GLU B 137 -7.44 -29.23 -16.72
C GLU B 137 -7.73 -29.94 -15.39
N LYS B 138 -7.20 -31.15 -15.22
CA LYS B 138 -7.39 -31.90 -13.96
C LYS B 138 -6.80 -31.18 -12.75
N GLU B 139 -5.87 -30.26 -12.97
CA GLU B 139 -5.26 -29.53 -11.85
C GLU B 139 -6.05 -28.29 -11.45
N LEU B 140 -7.08 -27.94 -12.20
CA LEU B 140 -7.87 -26.75 -11.92
C LEU B 140 -9.00 -27.15 -10.97
N VAL B 141 -8.96 -26.64 -9.75
CA VAL B 141 -9.87 -27.07 -8.70
C VAL B 141 -11.19 -26.28 -8.73
N THR B 142 -12.31 -26.99 -8.70
CA THR B 142 -13.64 -26.39 -8.61
C THR B 142 -14.10 -26.40 -7.16
N TRP B 143 -14.43 -25.22 -6.62
CA TRP B 143 -14.92 -25.11 -5.25
C TRP B 143 -15.64 -23.79 -5.05
N THR B 144 -16.36 -23.68 -3.94
CA THR B 144 -17.15 -22.50 -3.65
C THR B 144 -16.76 -21.90 -2.30
N PRO B 145 -16.19 -20.70 -2.31
CA PRO B 145 -15.88 -20.05 -1.02
C PRO B 145 -17.12 -19.71 -0.21
N ALA B 146 -17.04 -19.98 1.09
CA ALA B 146 -18.08 -19.62 2.02
C ALA B 146 -18.44 -18.14 1.96
N ALA B 147 -17.47 -17.28 1.67
CA ALA B 147 -17.71 -15.83 1.71
C ALA B 147 -18.23 -15.27 0.38
N LYS B 148 -18.48 -16.13 -0.60
CA LYS B 148 -18.85 -15.65 -1.94
C LYS B 148 -19.93 -14.56 -1.96
N ASP B 149 -20.99 -14.72 -1.19
CA ASP B 149 -22.11 -13.79 -1.30
C ASP B 149 -21.83 -12.48 -0.58
N TRP B 150 -20.70 -12.39 0.13
CA TRP B 150 -20.25 -11.14 0.73
C TRP B 150 -19.18 -10.48 -0.13
N ILE B 151 -18.75 -11.15 -1.20
CA ILE B 151 -17.76 -10.59 -2.12
C ILE B 151 -18.45 -10.13 -3.41
N TYR B 152 -19.47 -10.87 -3.84
CA TYR B 152 -20.19 -10.60 -5.09
C TYR B 152 -21.69 -10.37 -4.85
N GLU B 153 -22.24 -9.35 -5.50
CA GLU B 153 -23.68 -9.06 -5.44
C GLU B 153 -24.50 -10.15 -6.15
N ALA C 2 28.14 0.88 -11.30
CA ALA C 2 27.95 2.07 -10.47
C ALA C 2 26.47 2.42 -10.37
N ALA C 3 25.71 2.13 -11.42
CA ALA C 3 24.27 2.43 -11.42
C ALA C 3 23.62 1.81 -10.21
N ASN C 4 23.90 0.54 -9.98
CA ASN C 4 23.32 -0.20 -8.86
C ASN C 4 23.92 0.21 -7.52
N LYS C 5 24.97 1.03 -7.56
CA LYS C 5 25.64 1.47 -6.35
C LYS C 5 25.25 2.88 -5.92
N GLU C 6 24.23 3.44 -6.56
CA GLU C 6 23.73 4.75 -6.15
C GLU C 6 23.32 4.70 -4.68
N ARG C 7 23.51 5.80 -3.97
CA ARG C 7 23.16 5.87 -2.56
C ARG C 7 22.31 7.08 -2.29
N THR C 8 21.40 6.96 -1.32
CA THR C 8 20.61 8.08 -0.87
C THR C 8 20.61 8.18 0.65
N PHE C 9 20.32 9.37 1.15
CA PHE C 9 20.21 9.61 2.59
C PHE C 9 18.75 9.61 3.00
N ILE C 10 18.41 8.76 3.98
CA ILE C 10 17.04 8.68 4.49
C ILE C 10 17.15 8.88 5.99
N MET C 11 16.26 9.67 6.57
CA MET C 11 16.37 9.94 8.00
C MET C 11 15.00 9.94 8.64
N VAL C 12 14.84 9.16 9.70
CA VAL C 12 13.63 9.24 10.50
C VAL C 12 13.68 10.47 11.37
N LYS C 13 12.64 11.30 11.26
CA LYS C 13 12.56 12.57 11.98
C LYS C 13 12.12 12.35 13.42
N PRO C 14 12.20 13.41 14.25
CA PRO C 14 11.87 13.23 15.68
C PRO C 14 10.47 12.64 15.90
N ASP C 15 9.51 13.02 15.07
CA ASP C 15 8.15 12.52 15.21
C ASP C 15 8.05 11.04 14.81
N GLY C 16 8.91 10.60 13.89
CA GLY C 16 8.97 9.20 13.50
C GLY C 16 9.52 8.34 14.62
N VAL C 17 10.50 8.87 15.34
CA VAL C 17 11.06 8.17 16.50
C VAL C 17 10.03 8.12 17.63
N GLN C 18 9.44 9.26 17.94
CA GLN C 18 8.48 9.35 19.02
C GLN C 18 7.28 8.41 18.82
N ARG C 19 6.87 8.25 17.57
CA ARG C 19 5.67 7.47 17.27
C ARG C 19 6.01 6.02 16.88
N GLY C 20 7.25 5.60 17.15
CA GLY C 20 7.61 4.19 17.03
C GLY C 20 7.57 3.66 15.61
N LEU C 21 8.10 4.44 14.66
CA LEU C 21 8.09 4.03 13.24
C LEU C 21 9.47 3.68 12.69
N VAL C 22 10.50 3.63 13.53
CA VAL C 22 11.84 3.35 13.02
C VAL C 22 11.95 2.00 12.31
N GLY C 23 11.51 0.93 12.98
CA GLY C 23 11.58 -0.40 12.41
C GLY C 23 10.73 -0.58 11.17
N LYS C 24 9.52 -0.05 11.20
CA LYS C 24 8.63 -0.10 10.04
C LYS C 24 9.27 0.56 8.82
N ILE C 25 9.91 1.71 9.03
CA ILE C 25 10.57 2.41 7.94
C ILE C 25 11.74 1.59 7.38
N ILE C 26 12.60 1.11 8.27
CA ILE C 26 13.71 0.25 7.87
C ILE C 26 13.20 -0.97 7.10
N GLU C 27 12.16 -1.60 7.60
CA GLU C 27 11.59 -2.78 6.95
C GLU C 27 11.15 -2.49 5.51
N ARG C 28 10.59 -1.31 5.28
CA ARG C 28 10.14 -0.95 3.93
C ARG C 28 11.30 -0.95 2.92
N PHE C 29 12.46 -0.47 3.33
CA PHE C 29 13.62 -0.46 2.45
C PHE C 29 14.24 -1.84 2.31
N GLU C 30 14.29 -2.60 3.40
CA GLU C 30 14.83 -3.96 3.34
C GLU C 30 13.99 -4.82 2.42
N GLN C 31 12.68 -4.81 2.60
CA GLN C 31 11.81 -5.73 1.83
C GLN C 31 11.80 -5.37 0.33
N LYS C 32 12.07 -4.11 0.02
CA LYS C 32 12.16 -3.63 -1.36
C LYS C 32 13.38 -4.22 -2.07
N GLY C 33 14.43 -4.54 -1.31
CA GLY C 33 15.66 -5.01 -1.91
C GLY C 33 16.81 -4.02 -1.83
N PHE C 34 16.57 -2.87 -1.21
CA PHE C 34 17.63 -1.88 -1.06
C PHE C 34 18.59 -2.32 0.05
N ARG C 35 19.82 -1.83 -0.04
CA ARG C 35 20.88 -2.26 0.84
C ARG C 35 21.29 -1.21 1.86
N LEU C 36 21.23 -1.55 3.13
CA LEU C 36 21.69 -0.67 4.21
C LEU C 36 23.20 -0.46 4.12
N VAL C 37 23.61 0.80 4.22
CA VAL C 37 25.02 1.18 4.13
C VAL C 37 25.49 1.84 5.42
N ALA C 38 24.59 2.60 6.04
CA ALA C 38 24.93 3.31 7.26
C ALA C 38 23.68 3.56 8.07
N LEU C 39 23.85 3.58 9.38
CA LEU C 39 22.74 3.74 10.30
C LEU C 39 23.23 4.31 11.60
N LYS C 40 22.56 5.30 12.14
CA LYS C 40 22.80 5.69 13.51
C LYS C 40 21.61 6.40 14.18
N PHE C 41 21.74 6.67 15.47
CA PHE C 41 20.73 7.34 16.26
C PHE C 41 21.41 8.47 16.99
N THR C 42 20.90 9.70 16.83
CA THR C 42 21.59 10.87 17.36
C THR C 42 20.65 12.05 17.53
N TRP C 43 20.98 12.96 18.45
CA TRP C 43 20.31 14.27 18.58
C TRP C 43 21.11 15.24 17.75
N ALA C 44 20.52 15.77 16.68
CA ALA C 44 21.27 16.63 15.77
C ALA C 44 21.36 18.08 16.29
N SER C 45 22.53 18.70 16.13
CA SER C 45 22.67 20.09 16.56
C SER C 45 22.01 21.00 15.55
N LYS C 46 21.69 22.22 15.96
CA LYS C 46 21.15 23.19 15.02
C LYS C 46 22.17 23.52 13.95
N GLU C 47 23.44 23.49 14.33
CA GLU C 47 24.51 23.79 13.36
C GLU C 47 24.46 22.79 12.20
N LEU C 48 24.37 21.50 12.52
CA LEU C 48 24.27 20.46 11.50
C LEU C 48 22.98 20.62 10.69
N LEU C 49 21.87 20.86 11.37
CA LEU C 49 20.57 20.95 10.70
C LEU C 49 20.50 22.14 9.73
N GLU C 50 21.14 23.26 10.08
CA GLU C 50 21.21 24.40 9.17
C GLU C 50 21.96 24.06 7.89
N LYS C 51 23.00 23.23 8.00
CA LYS C 51 23.71 22.78 6.81
C LYS C 51 22.88 21.81 6.01
N HIS C 52 22.24 20.87 6.70
CA HIS C 52 21.36 19.91 6.03
C HIS C 52 20.28 20.64 5.22
N TYR C 53 19.66 21.66 5.81
CA TYR C 53 18.57 22.38 5.16
C TYR C 53 19.00 23.70 4.50
N ALA C 54 20.27 23.79 4.11
CA ALA C 54 20.82 25.04 3.56
C ALA C 54 20.04 25.50 2.34
N ASP C 55 19.57 24.55 1.54
CA ASP C 55 18.79 24.89 0.37
C ASP C 55 17.52 25.63 0.69
N LEU C 56 17.06 25.56 1.93
CA LEU C 56 15.75 26.12 2.26
C LEU C 56 15.89 27.42 3.06
N SER C 57 17.12 27.92 3.20
CA SER C 57 17.42 29.02 4.13
C SER C 57 16.68 30.32 3.76
N ALA C 58 16.21 30.42 2.53
CA ALA C 58 15.47 31.62 2.11
C ALA C 58 13.99 31.57 2.50
N ARG C 59 13.53 30.43 3.04
CA ARG C 59 12.10 30.21 3.30
C ARG C 59 11.73 30.60 4.72
N PRO C 60 10.50 31.14 4.92
CA PRO C 60 10.02 31.61 6.22
C PRO C 60 10.01 30.49 7.26
N PHE C 61 9.89 29.24 6.82
CA PHE C 61 9.76 28.12 7.75
C PHE C 61 11.11 27.53 8.17
N PHE C 62 12.19 28.06 7.61
CA PHE C 62 13.53 27.51 7.86
C PHE C 62 13.89 27.46 9.35
N PRO C 63 13.71 28.57 10.09
CA PRO C 63 14.08 28.49 11.51
C PRO C 63 13.20 27.52 12.30
N GLY C 64 11.91 27.48 11.97
CA GLY C 64 11.02 26.54 12.63
C GLY C 64 11.39 25.09 12.31
N LEU C 65 11.80 24.83 11.08
CA LEU C 65 12.21 23.49 10.68
C LEU C 65 13.45 23.05 11.45
N VAL C 66 14.43 23.95 11.55
CA VAL C 66 15.66 23.69 12.28
C VAL C 66 15.39 23.45 13.76
N ASN C 67 14.58 24.32 14.34
CA ASN C 67 14.23 24.19 15.77
C ASN C 67 13.48 22.90 16.05
N TYR C 68 12.51 22.59 15.20
CA TYR C 68 11.74 21.37 15.38
C TYR C 68 12.64 20.13 15.26
N MET C 69 13.48 20.11 14.24
CA MET C 69 14.35 18.96 14.00
C MET C 69 15.41 18.78 15.10
N ASN C 70 15.58 19.82 15.91
CA ASN C 70 16.47 19.80 17.07
C ASN C 70 15.70 19.51 18.37
N SER C 71 14.42 19.13 18.26
CA SER C 71 13.57 18.94 19.43
C SER C 71 13.50 17.46 19.92
N GLY C 72 14.10 16.57 19.15
CA GLY C 72 14.16 15.16 19.52
C GLY C 72 15.19 14.45 18.67
N PRO C 73 15.53 13.21 19.03
CA PRO C 73 16.54 12.51 18.24
C PRO C 73 16.02 12.04 16.88
N VAL C 74 16.95 11.73 15.98
CA VAL C 74 16.64 11.27 14.63
C VAL C 74 17.45 10.03 14.30
N VAL C 75 17.06 9.34 13.23
CA VAL C 75 17.77 8.16 12.75
C VAL C 75 18.22 8.38 11.33
N PRO C 76 19.43 8.93 11.16
CA PRO C 76 20.06 9.07 9.83
C PRO C 76 20.47 7.70 9.28
N MET C 77 20.30 7.50 7.97
CA MET C 77 20.63 6.25 7.29
C MET C 77 21.10 6.52 5.87
N VAL C 78 21.82 5.56 5.31
CA VAL C 78 22.19 5.58 3.91
C VAL C 78 21.78 4.23 3.34
N TRP C 79 21.12 4.27 2.19
CA TRP C 79 20.66 3.08 1.48
C TRP C 79 21.23 3.08 0.08
N GLU C 80 21.52 1.89 -0.44
CA GLU C 80 22.14 1.73 -1.76
C GLU C 80 21.31 0.87 -2.69
N GLY C 81 21.28 1.27 -3.96
CA GLY C 81 20.70 0.43 -4.98
C GLY C 81 20.34 1.22 -6.23
N LEU C 82 19.84 0.51 -7.24
CA LEU C 82 19.48 1.13 -8.51
C LEU C 82 18.43 2.22 -8.30
N ASN C 83 18.76 3.43 -8.72
CA ASN C 83 17.84 4.55 -8.67
C ASN C 83 17.21 4.76 -7.31
N VAL C 84 17.98 4.50 -6.26
CA VAL C 84 17.47 4.57 -4.88
C VAL C 84 17.06 5.98 -4.46
N VAL C 85 17.66 7.01 -5.06
CA VAL C 85 17.24 8.36 -4.70
C VAL C 85 15.81 8.60 -5.17
N LYS C 86 15.58 8.42 -6.46
CA LYS C 86 14.27 8.66 -7.03
C LYS C 86 13.22 7.66 -6.51
N THR C 87 13.61 6.41 -6.40
CA THR C 87 12.68 5.38 -5.95
C THR C 87 12.42 5.57 -4.46
N GLY C 88 13.45 5.89 -3.71
CA GLY C 88 13.28 6.26 -2.31
C GLY C 88 12.22 7.33 -2.11
N ARG C 89 12.29 8.41 -2.90
CA ARG C 89 11.32 9.50 -2.80
C ARG C 89 9.91 9.01 -3.07
N GLN C 90 9.77 8.13 -4.06
CA GLN C 90 8.48 7.53 -4.37
C GLN C 90 7.93 6.69 -3.21
N MET C 91 8.82 5.96 -2.54
CA MET C 91 8.43 5.14 -1.40
C MET C 91 8.01 5.98 -0.19
N LEU C 92 8.69 7.10 0.00
CA LEU C 92 8.34 8.03 1.06
C LEU C 92 6.98 8.68 0.80
N GLY C 93 6.68 8.95 -0.47
CA GLY C 93 5.47 9.67 -0.82
C GLY C 93 5.71 11.16 -0.94
N ALA C 94 4.69 11.91 -1.36
CA ALA C 94 4.81 13.36 -1.42
C ALA C 94 5.28 13.96 -0.09
N THR C 95 6.04 15.04 -0.15
CA THR C 95 6.50 15.73 1.07
C THR C 95 5.36 16.13 1.97
N ASN C 96 4.25 16.59 1.37
CA ASN C 96 3.06 16.92 2.16
C ASN C 96 2.20 15.65 2.27
N PRO C 97 2.04 15.15 3.50
CA PRO C 97 1.37 13.85 3.66
C PRO C 97 -0.06 13.80 3.09
N ALA C 98 -0.77 14.92 3.13
CA ALA C 98 -2.13 14.99 2.59
C ALA C 98 -2.15 14.62 1.10
N ASP C 99 -1.03 14.84 0.43
CA ASP C 99 -0.91 14.48 -0.97
C ASP C 99 -0.22 13.13 -1.19
N SER C 100 0.30 12.52 -0.13
CA SER C 100 0.99 11.24 -0.25
C SER C 100 -0.05 10.11 -0.34
N LYS C 101 0.13 9.21 -1.29
CA LYS C 101 -0.86 8.17 -1.48
C LYS C 101 -0.74 7.00 -0.52
N PRO C 102 -1.87 6.35 -0.24
CA PRO C 102 -1.82 5.14 0.57
C PRO C 102 -0.82 4.19 -0.05
N GLY C 103 -0.07 3.51 0.78
CA GLY C 103 1.00 2.64 0.31
C GLY C 103 2.37 3.24 0.52
N THR C 104 2.45 4.57 0.53
CA THR C 104 3.72 5.25 0.80
C THR C 104 3.91 5.38 2.30
N ILE C 105 5.13 5.64 2.74
CA ILE C 105 5.40 5.82 4.17
C ILE C 105 4.61 6.98 4.78
N ARG C 106 4.66 8.14 4.14
CA ARG C 106 3.93 9.28 4.68
C ARG C 106 2.42 9.10 4.54
N GLY C 107 1.99 8.52 3.42
CA GLY C 107 0.58 8.28 3.18
C GLY C 107 -0.03 7.35 4.23
N ASP C 108 0.74 6.35 4.65
CA ASP C 108 0.23 5.38 5.64
C ASP C 108 0.33 5.90 7.08
N PHE C 109 1.33 6.73 7.38
CA PHE C 109 1.72 6.91 8.78
C PHE C 109 1.70 8.32 9.37
N CYS C 110 1.35 9.35 8.60
CA CYS C 110 1.35 10.71 9.17
C CYS C 110 0.38 11.63 8.42
N ILE C 111 0.22 12.84 8.94
CA ILE C 111 -0.91 13.70 8.55
C ILE C 111 -0.48 15.09 8.02
N GLN C 112 0.42 15.76 8.75
CA GLN C 112 0.73 17.18 8.45
C GLN C 112 2.19 17.38 8.09
N VAL C 113 2.44 18.31 7.17
CA VAL C 113 3.76 18.41 6.55
C VAL C 113 4.90 18.75 7.54
N GLY C 114 4.64 19.56 8.56
CA GLY C 114 5.63 19.84 9.59
C GLY C 114 5.85 18.70 10.57
N ARG C 115 5.09 17.62 10.41
CA ARG C 115 5.25 16.41 11.18
C ARG C 115 5.16 15.23 10.20
N ASN C 116 6.07 15.20 9.23
CA ASN C 116 5.99 14.25 8.12
C ASN C 116 7.02 13.12 8.21
N ILE C 117 7.43 12.85 9.46
CA ILE C 117 8.15 11.65 9.94
C ILE C 117 9.49 11.22 9.33
N ILE C 118 9.78 11.65 8.12
CA ILE C 118 10.91 11.10 7.40
C ILE C 118 11.45 12.11 6.38
N HIS C 119 12.75 12.05 6.14
CA HIS C 119 13.40 12.84 5.09
C HIS C 119 14.05 11.90 4.10
N GLY C 120 13.96 12.22 2.80
CA GLY C 120 14.79 11.57 1.81
C GLY C 120 15.41 12.58 0.84
N SER C 121 16.65 12.32 0.40
CA SER C 121 17.37 13.20 -0.55
C SER C 121 16.57 13.39 -1.84
N ASP C 122 16.58 14.61 -2.41
CA ASP C 122 15.76 14.85 -3.58
C ASP C 122 16.48 14.64 -4.91
N ALA C 123 17.78 14.40 -4.85
CA ALA C 123 18.56 14.17 -6.08
C ALA C 123 19.89 13.52 -5.75
N VAL C 124 20.56 12.97 -6.75
CA VAL C 124 21.86 12.33 -6.49
C VAL C 124 22.84 13.31 -5.85
N LYS C 125 22.87 14.53 -6.36
CA LYS C 125 23.80 15.53 -5.85
C LYS C 125 23.51 15.90 -4.39
N SER C 126 22.25 16.07 -4.05
CA SER C 126 21.94 16.41 -2.66
C SER C 126 22.17 15.20 -1.76
N ALA C 127 21.92 13.99 -2.27
CA ALA C 127 22.27 12.79 -1.52
C ALA C 127 23.78 12.74 -1.21
N GLU C 128 24.60 13.07 -2.20
CA GLU C 128 26.04 12.99 -1.95
C GLU C 128 26.40 13.97 -0.85
N LYS C 129 25.81 15.17 -0.90
CA LYS C 129 26.06 16.19 0.11
C LYS C 129 25.60 15.74 1.52
N GLU C 130 24.39 15.21 1.58
CA GLU C 130 23.80 14.79 2.85
C GLU C 130 24.56 13.63 3.47
N ILE C 131 24.95 12.67 2.66
CA ILE C 131 25.69 11.51 3.14
C ILE C 131 27.00 11.97 3.78
N ALA C 132 27.68 12.91 3.13
CA ALA C 132 28.95 13.44 3.63
C ALA C 132 28.76 14.26 4.90
N LEU C 133 27.62 14.94 5.02
CA LEU C 133 27.35 15.75 6.20
C LEU C 133 27.10 14.91 7.47
N TRP C 134 26.31 13.85 7.31
CA TRP C 134 25.83 13.10 8.46
C TRP C 134 26.75 11.95 8.87
N PHE C 135 27.58 11.48 7.94
CA PHE C 135 28.43 10.32 8.18
C PHE C 135 29.89 10.57 7.76
N ASN C 136 30.78 9.90 8.46
CA ASN C 136 32.17 9.79 8.02
C ASN C 136 32.27 8.59 7.11
N GLU C 137 33.21 8.65 6.18
CA GLU C 137 33.37 7.58 5.21
C GLU C 137 33.56 6.23 5.94
N LYS C 138 34.19 6.29 7.12
CA LYS C 138 34.43 5.11 7.97
C LYS C 138 33.13 4.41 8.40
N GLU C 139 32.02 5.16 8.41
CA GLU C 139 30.73 4.64 8.88
C GLU C 139 29.91 4.03 7.74
N LEU C 140 30.39 4.17 6.52
CA LEU C 140 29.70 3.64 5.36
C LEU C 140 30.23 2.24 5.12
N VAL C 141 29.38 1.23 5.34
CA VAL C 141 29.93 -0.13 5.24
C VAL C 141 29.74 -0.74 3.87
N THR C 142 30.81 -1.37 3.38
CA THR C 142 30.70 -2.08 2.12
C THR C 142 30.54 -3.56 2.40
N TRP C 143 29.49 -4.13 1.83
CA TRP C 143 29.33 -5.58 1.88
C TRP C 143 28.36 -6.00 0.79
N THR C 144 28.23 -7.30 0.58
CA THR C 144 27.39 -7.75 -0.51
C THR C 144 26.36 -8.76 -0.04
N PRO C 145 25.09 -8.42 -0.27
CA PRO C 145 23.96 -9.26 0.13
C PRO C 145 23.96 -10.59 -0.62
N ALA C 146 23.65 -11.66 0.10
CA ALA C 146 23.54 -12.99 -0.50
C ALA C 146 22.52 -13.01 -1.63
N ALA C 147 21.48 -12.18 -1.51
CA ALA C 147 20.42 -12.20 -2.50
C ALA C 147 20.71 -11.34 -3.74
N LYS C 148 21.88 -10.72 -3.80
CA LYS C 148 22.15 -9.71 -4.83
C LYS C 148 21.82 -10.18 -6.25
N ASP C 149 22.18 -11.41 -6.61
CA ASP C 149 21.97 -11.84 -7.98
C ASP C 149 20.52 -12.14 -8.31
N TRP C 150 19.65 -12.11 -7.30
CA TRP C 150 18.23 -12.30 -7.52
C TRP C 150 17.52 -10.93 -7.51
N ILE C 151 18.29 -9.88 -7.25
CA ILE C 151 17.75 -8.51 -7.25
C ILE C 151 18.22 -7.74 -8.48
N TYR C 152 19.47 -7.99 -8.88
CA TYR C 152 20.08 -7.37 -10.06
C TYR C 152 20.72 -8.41 -10.98
N GLU C 153 20.54 -8.20 -12.27
CA GLU C 153 21.16 -9.04 -13.30
C GLU C 153 22.66 -8.72 -13.45
#